data_5UIZ
#
_entry.id   5UIZ
#
_cell.length_a   77.228
_cell.length_b   77.228
_cell.length_c   122.346
_cell.angle_alpha   90.00
_cell.angle_beta   90.00
_cell.angle_gamma   120.00
#
_symmetry.space_group_name_H-M   'P 32 2 1'
#
loop_
_entity.id
_entity.type
_entity.pdbx_description
1 polymer AA10A
2 non-polymer 'COPPER (II) ION'
3 non-polymer GLYCEROL
4 non-polymer 'IODIDE ION'
5 water water
#
_entity_poly.entity_id   1
_entity_poly.type   'polypeptide(L)'
_entity_poly.pdbx_seq_one_letter_code
;MHRYSRTGKHRWTVRALAVLFTALLGLTQWTAPASAHGSVINPATRNYGCWLRWGHDHLNPNMQYEDPMCWQAWQDNPNA
MWNWNGLYRDWVGGNHRAALPDGQLCSGGLTEGGRYRSMDAVGPWKTTDVNNTFTIHLYDQASHGADYFLVYVTKQGFDP
TTQPLTWDSLELVHQTGSYPPAQNIQFTVHAPNRSGRHVVFTIWKASHMDQTYYLCSDVNFV
;
_entity_poly.pdbx_strand_id   A,B
#
# COMPACT_ATOMS: atom_id res chain seq x y z
N HIS A 37 13.91 -3.55 -2.45
CA HIS A 37 12.61 -4.08 -2.92
C HIS A 37 11.60 -3.00 -2.57
N GLY A 38 10.69 -2.73 -3.50
CA GLY A 38 9.69 -1.64 -3.36
C GLY A 38 9.03 -1.21 -4.68
N SER A 39 8.41 -0.03 -4.67
CA SER A 39 7.56 0.39 -5.79
C SER A 39 7.11 1.82 -5.58
N VAL A 40 6.44 2.34 -6.61
CA VAL A 40 5.89 3.68 -6.58
C VAL A 40 4.48 3.46 -6.03
N ILE A 41 4.27 4.02 -4.85
CA ILE A 41 3.03 4.02 -4.09
C ILE A 41 2.04 5.07 -4.64
N ASN A 42 2.54 6.23 -5.03
N ASN A 42 2.53 6.19 -5.13
CA ASN A 42 1.76 7.29 -5.67
CA ASN A 42 1.67 7.25 -5.65
C ASN A 42 2.56 7.90 -6.81
C ASN A 42 2.47 7.97 -6.75
N PRO A 43 2.01 7.93 -8.03
CA PRO A 43 0.80 7.25 -8.51
C PRO A 43 1.10 5.76 -8.55
N ALA A 44 0.24 4.99 -7.92
CA ALA A 44 0.45 3.57 -7.73
C ALA A 44 0.77 2.87 -9.05
N THR A 45 1.76 2.00 -9.01
CA THR A 45 2.08 1.20 -10.16
C THR A 45 0.95 0.20 -10.47
N ARG A 46 1.04 -0.43 -11.60
CA ARG A 46 0.09 -1.42 -11.98
C ARG A 46 -0.04 -2.60 -11.00
N ASN A 47 1.07 -3.22 -10.62
CA ASN A 47 0.99 -4.43 -9.82
C ASN A 47 0.77 -4.06 -8.35
N TYR A 48 1.27 -2.91 -7.88
CA TYR A 48 1.05 -2.52 -6.51
C TYR A 48 -0.43 -2.28 -6.32
N GLY A 49 -1.03 -1.61 -7.30
CA GLY A 49 -2.40 -1.26 -7.23
C GLY A 49 -3.29 -2.50 -7.30
N CYS A 50 -2.99 -3.37 -8.22
CA CYS A 50 -3.67 -4.63 -8.27
C CYS A 50 -3.62 -5.39 -6.94
N TRP A 51 -2.48 -5.42 -6.28
CA TRP A 51 -2.35 -6.04 -4.95
C TRP A 51 -3.19 -5.34 -3.86
N LEU A 52 -3.06 -4.03 -3.86
CA LEU A 52 -3.77 -3.19 -2.93
C LEU A 52 -5.29 -3.33 -3.10
N ARG A 53 -5.80 -3.30 -4.33
CA ARG A 53 -7.24 -3.31 -4.50
C ARG A 53 -7.84 -4.70 -4.37
N TRP A 54 -7.09 -5.75 -4.69
CA TRP A 54 -7.64 -7.09 -4.83
C TRP A 54 -6.93 -8.17 -4.09
N GLY A 55 -5.91 -7.84 -3.33
CA GLY A 55 -5.12 -8.87 -2.61
C GLY A 55 -5.94 -9.68 -1.58
N HIS A 56 -6.99 -9.04 -1.08
CA HIS A 56 -7.83 -9.61 -0.05
C HIS A 56 -8.97 -10.38 -0.70
N ASP A 57 -9.08 -10.32 -2.02
CA ASP A 57 -10.17 -10.92 -2.74
C ASP A 57 -9.75 -11.29 -4.15
N HIS A 58 -8.66 -12.03 -4.22
CA HIS A 58 -7.93 -12.19 -5.47
C HIS A 58 -8.56 -13.19 -6.46
N LEU A 59 -9.56 -13.93 -6.01
CA LEU A 59 -10.20 -14.92 -6.87
C LEU A 59 -11.61 -14.49 -7.22
N ASN A 60 -11.99 -13.25 -6.92
CA ASN A 60 -13.35 -12.81 -7.11
C ASN A 60 -13.63 -12.71 -8.57
N PRO A 61 -14.57 -13.53 -9.07
CA PRO A 61 -14.91 -13.43 -10.53
C PRO A 61 -15.41 -12.07 -11.04
N ASN A 62 -16.02 -11.24 -10.18
N ASN A 62 -16.00 -11.26 -10.17
CA ASN A 62 -16.48 -9.91 -10.66
CA ASN A 62 -16.46 -9.95 -10.57
C ASN A 62 -15.31 -8.97 -10.95
C ASN A 62 -15.33 -8.96 -10.85
N MET A 63 -14.10 -9.34 -10.52
CA MET A 63 -12.91 -8.55 -10.91
C MET A 63 -12.83 -8.39 -12.42
N GLN A 64 -13.24 -9.41 -13.17
CA GLN A 64 -13.29 -9.33 -14.62
C GLN A 64 -14.00 -8.09 -15.11
N TYR A 65 -15.08 -7.73 -14.44
CA TYR A 65 -15.93 -6.61 -14.88
C TYR A 65 -15.53 -5.32 -14.15
N GLU A 66 -15.23 -5.37 -12.85
CA GLU A 66 -14.86 -4.17 -12.13
C GLU A 66 -13.45 -3.65 -12.49
N ASP A 67 -12.47 -4.53 -12.72
CA ASP A 67 -11.04 -4.14 -12.96
C ASP A 67 -10.42 -5.14 -13.93
N PRO A 68 -10.77 -5.03 -15.20
CA PRO A 68 -10.39 -6.13 -16.09
C PRO A 68 -8.89 -6.36 -16.23
N MET A 69 -8.12 -5.28 -16.14
CA MET A 69 -6.68 -5.43 -16.26
C MET A 69 -6.11 -6.09 -15.05
N CYS A 70 -6.65 -5.82 -13.86
N CYS A 70 -6.68 -5.83 -13.90
CA CYS A 70 -6.20 -6.55 -12.66
CA CYS A 70 -6.23 -6.52 -12.74
C CYS A 70 -6.65 -8.02 -12.73
C CYS A 70 -6.67 -7.98 -12.73
N TRP A 71 -7.88 -8.24 -13.23
CA TRP A 71 -8.36 -9.60 -13.49
C TRP A 71 -7.37 -10.43 -14.34
N GLN A 72 -6.98 -9.87 -15.49
CA GLN A 72 -6.09 -10.62 -16.38
C GLN A 72 -4.75 -10.85 -15.72
N ALA A 73 -4.28 -9.89 -14.95
CA ALA A 73 -3.03 -10.04 -14.24
C ALA A 73 -3.06 -11.16 -13.21
N TRP A 74 -4.08 -11.14 -12.36
CA TRP A 74 -4.24 -12.19 -11.37
C TRP A 74 -4.43 -13.57 -12.06
N GLN A 75 -5.18 -13.60 -13.15
CA GLN A 75 -5.34 -14.84 -13.94
C GLN A 75 -3.97 -15.41 -14.38
N ASP A 76 -3.07 -14.55 -14.85
CA ASP A 76 -1.81 -14.99 -15.39
C ASP A 76 -0.83 -15.41 -14.34
N ASN A 77 -0.60 -14.58 -13.34
CA ASN A 77 0.43 -14.87 -12.32
C ASN A 77 0.19 -14.11 -11.04
N PRO A 78 -0.38 -14.79 -10.04
CA PRO A 78 -0.66 -14.11 -8.80
C PRO A 78 0.58 -13.50 -8.15
N ASN A 79 1.75 -14.06 -8.40
CA ASN A 79 2.99 -13.58 -7.78
C ASN A 79 3.40 -12.18 -8.30
N ALA A 80 2.90 -11.77 -9.46
CA ALA A 80 3.10 -10.37 -9.93
C ALA A 80 2.57 -9.40 -8.90
N MET A 81 1.50 -9.78 -8.19
CA MET A 81 0.97 -8.98 -7.11
C MET A 81 1.55 -9.37 -5.73
N TRP A 82 1.66 -10.66 -5.39
CA TRP A 82 2.17 -11.04 -4.07
C TRP A 82 3.60 -10.53 -3.89
N ASN A 83 4.39 -10.60 -4.95
N ASN A 83 4.45 -10.61 -4.91
CA ASN A 83 5.75 -10.10 -4.96
CA ASN A 83 5.77 -10.01 -4.82
C ASN A 83 5.76 -8.76 -5.74
C ASN A 83 5.77 -8.77 -5.70
N TRP A 84 4.85 -7.85 -5.39
CA TRP A 84 4.75 -6.57 -6.08
C TRP A 84 6.02 -5.73 -6.00
N ASN A 85 6.82 -5.91 -4.95
CA ASN A 85 8.04 -5.14 -4.71
C ASN A 85 9.26 -5.70 -5.42
N GLY A 86 9.07 -6.67 -6.32
CA GLY A 86 10.20 -7.41 -6.89
C GLY A 86 10.42 -7.16 -8.36
N LEU A 87 9.92 -6.05 -8.89
CA LEU A 87 9.97 -5.85 -10.36
C LEU A 87 11.28 -5.15 -10.73
N TYR A 88 12.37 -5.93 -10.70
CA TYR A 88 13.69 -5.43 -11.00
C TYR A 88 14.50 -6.32 -11.88
N ARG A 89 15.51 -5.70 -12.49
CA ARG A 89 16.54 -6.45 -13.16
C ARG A 89 17.88 -6.18 -12.50
N ASP A 90 18.75 -7.18 -12.51
CA ASP A 90 20.12 -7.03 -12.13
C ASP A 90 21.01 -6.94 -13.40
N TRP A 91 22.10 -6.18 -13.29
CA TRP A 91 23.16 -6.14 -14.25
C TRP A 91 22.70 -5.56 -15.61
N VAL A 92 21.81 -4.58 -15.54
CA VAL A 92 21.40 -3.83 -16.70
C VAL A 92 22.55 -2.90 -17.22
N GLY A 93 23.43 -2.44 -16.32
CA GLY A 93 24.56 -1.57 -16.71
C GLY A 93 24.17 -0.27 -17.38
N GLY A 94 22.98 0.24 -17.03
CA GLY A 94 22.49 1.49 -17.58
C GLY A 94 21.81 1.30 -18.93
N ASN A 95 21.84 0.10 -19.49
CA ASN A 95 21.36 -0.09 -20.86
C ASN A 95 19.87 -0.51 -20.85
N HIS A 96 19.04 0.39 -20.34
CA HIS A 96 17.59 0.15 -20.15
C HIS A 96 16.90 -0.25 -21.45
N ARG A 97 17.27 0.36 -22.56
N ARG A 97 17.26 0.40 -22.55
CA ARG A 97 16.60 0.07 -23.81
CA ARG A 97 16.65 0.08 -23.86
C ARG A 97 17.08 -1.23 -24.44
C ARG A 97 16.99 -1.32 -24.28
N ALA A 98 18.22 -1.76 -24.00
CA ALA A 98 18.58 -3.12 -24.39
C ALA A 98 17.83 -4.10 -23.51
N ALA A 99 17.69 -3.78 -22.22
CA ALA A 99 17.07 -4.71 -21.33
C ALA A 99 15.56 -4.83 -21.54
N LEU A 100 14.91 -3.81 -22.04
CA LEU A 100 13.43 -3.75 -22.09
C LEU A 100 13.04 -3.57 -23.55
N PRO A 101 12.81 -4.66 -24.28
CA PRO A 101 12.26 -4.49 -25.61
C PRO A 101 10.92 -3.75 -25.62
N ASP A 102 10.63 -3.09 -26.75
CA ASP A 102 9.31 -2.46 -26.88
C ASP A 102 8.18 -3.45 -26.53
N GLY A 103 7.21 -2.96 -25.77
CA GLY A 103 6.10 -3.76 -25.40
C GLY A 103 6.38 -4.63 -24.21
N GLN A 104 7.59 -4.56 -23.67
CA GLN A 104 7.91 -5.29 -22.45
C GLN A 104 8.48 -4.40 -21.42
N LEU A 105 8.18 -3.13 -21.47
CA LEU A 105 8.71 -2.20 -20.49
C LEU A 105 8.13 -2.45 -19.13
N CYS A 106 6.81 -2.56 -19.08
CA CYS A 106 6.14 -2.67 -17.78
C CYS A 106 6.47 -3.98 -17.09
N SER A 107 6.80 -5.01 -17.85
CA SER A 107 7.24 -6.26 -17.23
C SER A 107 8.75 -6.29 -16.88
N GLY A 108 9.52 -5.21 -17.10
CA GLY A 108 10.94 -5.23 -16.82
C GLY A 108 11.65 -6.17 -17.81
N GLY A 109 11.14 -6.24 -19.04
CA GLY A 109 11.75 -7.10 -20.04
C GLY A 109 11.57 -8.55 -19.66
N LEU A 110 10.35 -8.89 -19.22
CA LEU A 110 10.05 -10.25 -18.75
C LEU A 110 10.98 -10.75 -17.68
N THR A 111 11.38 -9.86 -16.78
CA THR A 111 12.28 -10.26 -15.69
C THR A 111 11.62 -11.35 -14.83
N GLU A 112 12.42 -12.03 -14.03
CA GLU A 112 12.00 -13.15 -13.21
C GLU A 112 11.16 -14.19 -13.96
N GLY A 113 11.64 -14.64 -15.12
CA GLY A 113 10.94 -15.67 -15.88
C GLY A 113 9.54 -15.28 -16.37
N GLY A 114 9.37 -14.00 -16.71
CA GLY A 114 8.06 -13.53 -17.13
C GLY A 114 7.07 -13.33 -16.01
N ARG A 115 7.51 -13.35 -14.77
CA ARG A 115 6.54 -13.20 -13.65
C ARG A 115 5.53 -12.00 -13.82
N TYR A 116 6.04 -10.86 -14.28
CA TYR A 116 5.25 -9.65 -14.40
C TYR A 116 4.78 -9.40 -15.82
N ARG A 117 4.70 -10.43 -16.64
CA ARG A 117 4.38 -10.21 -18.08
C ARG A 117 2.96 -9.63 -18.29
N SER A 118 2.04 -9.89 -17.37
CA SER A 118 0.68 -9.34 -17.49
C SER A 118 0.61 -7.77 -17.35
N MET A 119 1.65 -7.17 -16.81
N MET A 119 1.64 -7.16 -16.77
CA MET A 119 1.78 -5.71 -16.74
CA MET A 119 1.73 -5.69 -16.72
C MET A 119 1.94 -5.09 -18.09
C MET A 119 1.93 -5.07 -18.09
N ASP A 120 2.38 -5.87 -19.07
CA ASP A 120 2.51 -5.47 -20.43
C ASP A 120 1.19 -5.46 -21.20
N ALA A 121 0.09 -5.93 -20.60
CA ALA A 121 -1.14 -6.05 -21.36
C ALA A 121 -1.73 -4.66 -21.66
N VAL A 122 -2.51 -4.63 -22.72
CA VAL A 122 -3.11 -3.44 -23.25
C VAL A 122 -4.55 -3.44 -22.79
N GLY A 123 -4.99 -2.35 -22.16
CA GLY A 123 -6.40 -2.12 -21.93
C GLY A 123 -6.66 -1.04 -20.93
N PRO A 124 -7.87 -0.96 -20.36
CA PRO A 124 -8.30 0.11 -19.43
C PRO A 124 -7.80 -0.07 -18.01
N TRP A 125 -6.49 0.04 -17.85
CA TRP A 125 -5.87 -0.02 -16.53
C TRP A 125 -6.43 1.09 -15.63
N LYS A 126 -6.58 0.83 -14.35
CA LYS A 126 -7.10 1.89 -13.46
C LYS A 126 -6.07 3.00 -13.33
N THR A 127 -6.54 4.25 -13.37
CA THR A 127 -5.68 5.40 -13.34
C THR A 127 -5.76 6.10 -11.97
N THR A 128 -4.66 6.77 -11.58
CA THR A 128 -4.67 7.79 -10.55
C THR A 128 -4.80 9.17 -11.24
N ASP A 129 -5.71 10.01 -10.76
CA ASP A 129 -5.80 11.41 -11.26
C ASP A 129 -4.62 12.24 -10.76
N VAL A 130 -3.91 12.91 -11.68
CA VAL A 130 -2.83 13.77 -11.32
C VAL A 130 -2.90 15.09 -12.12
N ASN A 131 -2.26 16.13 -11.61
CA ASN A 131 -2.01 17.33 -12.39
C ASN A 131 -0.75 17.12 -13.16
N ASN A 132 -0.51 18.03 -14.10
CA ASN A 132 0.73 18.03 -14.87
C ASN A 132 1.95 18.07 -14.01
N THR A 133 1.84 18.67 -12.84
CA THR A 133 2.91 18.62 -11.86
C THR A 133 2.42 17.69 -10.79
N PHE A 134 3.18 16.62 -10.50
CA PHE A 134 2.76 15.62 -9.52
C PHE A 134 3.97 15.08 -8.82
N THR A 135 3.70 14.41 -7.69
CA THR A 135 4.74 13.82 -6.84
C THR A 135 4.82 12.30 -7.03
N ILE A 136 6.05 11.83 -7.16
CA ILE A 136 6.31 10.43 -7.16
C ILE A 136 6.75 10.05 -5.77
N HIS A 137 6.04 9.09 -5.16
CA HIS A 137 6.40 8.56 -3.85
C HIS A 137 6.78 7.05 -4.00
N LEU A 138 8.03 6.79 -3.70
CA LEU A 138 8.61 5.48 -3.76
C LEU A 138 8.70 5.01 -2.33
N TYR A 139 8.40 3.74 -2.12
CA TYR A 139 8.64 3.09 -0.86
C TYR A 139 9.61 1.97 -1.15
N ASP A 140 10.66 1.91 -0.36
CA ASP A 140 11.66 0.87 -0.48
C ASP A 140 11.91 0.31 0.91
N GLN A 141 11.44 -0.90 1.19
N GLN A 141 11.42 -0.90 1.17
CA GLN A 141 11.57 -1.46 2.56
CA GLN A 141 11.56 -1.54 2.48
C GLN A 141 13.02 -1.71 2.98
C GLN A 141 13.00 -1.71 2.96
N ALA A 142 13.88 -2.03 2.03
CA ALA A 142 15.27 -2.28 2.32
C ALA A 142 16.16 -1.03 2.45
N SER A 143 15.63 0.16 2.16
CA SER A 143 16.44 1.39 2.22
C SER A 143 17.75 1.25 1.44
N HIS A 144 17.64 0.80 0.22
CA HIS A 144 18.76 0.68 -0.68
C HIS A 144 19.40 1.99 -1.11
N GLY A 145 18.66 3.10 -1.01
CA GLY A 145 19.02 4.34 -1.70
C GLY A 145 18.86 4.25 -3.21
N ALA A 146 19.10 5.36 -3.87
CA ALA A 146 18.96 5.45 -5.30
C ALA A 146 20.15 6.23 -5.85
N ASP A 147 20.73 5.71 -6.92
CA ASP A 147 21.77 6.43 -7.72
C ASP A 147 21.10 7.49 -8.54
N TYR A 148 19.93 7.14 -9.03
CA TYR A 148 19.07 8.09 -9.76
C TYR A 148 17.68 7.50 -9.97
N PHE A 149 16.76 8.35 -10.37
CA PHE A 149 15.47 7.96 -10.90
C PHE A 149 15.37 8.62 -12.25
N LEU A 150 14.85 7.89 -13.23
CA LEU A 150 14.39 8.49 -14.53
C LEU A 150 12.88 8.38 -14.61
N VAL A 151 12.19 9.43 -15.01
CA VAL A 151 10.75 9.39 -15.12
C VAL A 151 10.38 9.76 -16.51
N TYR A 152 9.77 8.80 -17.21
CA TYR A 152 9.24 8.98 -18.54
C TYR A 152 7.71 9.09 -18.49
N VAL A 153 7.12 9.82 -19.41
CA VAL A 153 5.66 9.87 -19.56
C VAL A 153 5.31 9.73 -21.04
N THR A 154 4.25 8.99 -21.30
CA THR A 154 3.75 8.82 -22.65
C THR A 154 3.40 10.19 -23.32
N LYS A 155 3.63 10.27 -24.62
CA LYS A 155 3.37 11.46 -25.44
C LYS A 155 1.88 11.61 -25.70
N GLN A 156 1.39 12.87 -25.77
CA GLN A 156 0.01 13.12 -26.20
C GLN A 156 -0.28 12.45 -27.53
N GLY A 157 -1.44 11.78 -27.65
CA GLY A 157 -1.76 10.93 -28.80
C GLY A 157 -1.63 9.44 -28.45
N PHE A 158 -0.77 9.08 -27.50
CA PHE A 158 -0.65 7.70 -27.12
C PHE A 158 -1.92 7.19 -26.43
N ASP A 159 -2.36 5.99 -26.81
CA ASP A 159 -3.57 5.41 -26.21
C ASP A 159 -3.26 4.06 -25.54
N PRO A 160 -3.08 4.06 -24.20
CA PRO A 160 -2.73 2.85 -23.46
C PRO A 160 -3.77 1.73 -23.48
N THR A 161 -5.00 2.04 -23.86
CA THR A 161 -6.03 1.03 -23.97
C THR A 161 -5.89 0.24 -25.22
N THR A 162 -5.16 0.72 -26.23
CA THR A 162 -5.01 0.01 -27.51
C THR A 162 -3.60 -0.23 -27.98
N GLN A 163 -2.62 0.31 -27.28
CA GLN A 163 -1.25 0.35 -27.82
C GLN A 163 -0.32 -0.08 -26.74
N PRO A 164 0.61 -0.94 -27.09
CA PRO A 164 1.64 -1.30 -26.14
C PRO A 164 2.62 -0.17 -25.85
N LEU A 165 3.21 -0.22 -24.67
CA LEU A 165 4.15 0.77 -24.27
C LEU A 165 5.48 0.56 -24.97
N THR A 166 6.01 1.61 -25.60
CA THR A 166 7.27 1.54 -26.30
C THR A 166 8.14 2.73 -25.88
N TRP A 167 9.43 2.60 -26.16
CA TRP A 167 10.36 3.66 -25.90
C TRP A 167 10.04 4.88 -26.72
N ASP A 168 9.72 4.71 -28.01
N ASP A 168 9.74 4.70 -28.01
CA ASP A 168 9.32 5.86 -28.83
CA ASP A 168 9.23 5.79 -28.87
C ASP A 168 8.01 6.54 -28.37
C ASP A 168 8.08 6.55 -28.24
N SER A 169 7.17 5.84 -27.61
CA SER A 169 5.95 6.46 -27.06
C SER A 169 6.24 7.35 -25.79
N LEU A 170 7.43 7.22 -25.22
CA LEU A 170 7.77 7.86 -23.97
C LEU A 170 8.71 9.04 -24.15
N GLU A 171 8.55 10.08 -23.34
CA GLU A 171 9.61 11.10 -23.25
C GLU A 171 10.09 11.26 -21.84
N LEU A 172 11.37 11.47 -21.68
CA LEU A 172 11.98 11.68 -20.38
C LEU A 172 11.56 13.04 -19.90
N VAL A 173 10.85 13.09 -18.78
CA VAL A 173 10.40 14.36 -18.21
C VAL A 173 11.14 14.77 -16.89
N HIS A 174 11.84 13.81 -16.30
CA HIS A 174 12.52 14.03 -15.07
C HIS A 174 13.67 13.10 -14.86
N GLN A 175 14.71 13.64 -14.27
CA GLN A 175 15.91 12.92 -13.95
C GLN A 175 16.37 13.50 -12.60
N THR A 176 16.62 12.64 -11.64
CA THR A 176 17.18 13.04 -10.37
C THR A 176 18.61 12.59 -10.26
N GLY A 177 19.30 13.08 -9.24
CA GLY A 177 20.57 12.53 -8.82
C GLY A 177 20.30 11.50 -7.72
N SER A 178 21.33 11.22 -6.90
CA SER A 178 21.26 10.15 -5.93
C SER A 178 20.49 10.59 -4.67
N TYR A 179 19.90 9.62 -3.98
CA TYR A 179 19.23 9.82 -2.71
C TYR A 179 19.80 8.86 -1.74
N PRO A 180 20.03 9.32 -0.51
CA PRO A 180 20.53 8.36 0.47
C PRO A 180 19.48 7.33 0.84
N PRO A 181 19.92 6.21 1.43
CA PRO A 181 19.06 5.18 1.95
C PRO A 181 17.94 5.75 2.81
N ALA A 182 16.72 5.35 2.51
CA ALA A 182 15.52 5.84 3.15
C ALA A 182 14.40 4.92 2.72
N GLN A 183 13.41 4.71 3.58
CA GLN A 183 12.29 3.88 3.18
C GLN A 183 11.29 4.60 2.29
N ASN A 184 11.19 5.91 2.45
CA ASN A 184 10.35 6.72 1.64
C ASN A 184 11.14 7.78 0.91
N ILE A 185 10.96 7.85 -0.40
CA ILE A 185 11.63 8.84 -1.25
C ILE A 185 10.54 9.47 -2.06
N GLN A 186 10.56 10.79 -2.11
CA GLN A 186 9.61 11.48 -2.97
C GLN A 186 10.18 12.72 -3.59
N PHE A 187 9.67 13.05 -4.78
CA PHE A 187 10.12 14.19 -5.58
C PHE A 187 9.01 14.55 -6.59
N THR A 188 8.99 15.79 -7.01
CA THR A 188 7.94 16.35 -7.84
C THR A 188 8.46 16.46 -9.27
N VAL A 189 7.61 16.10 -10.24
CA VAL A 189 8.01 16.10 -11.62
C VAL A 189 6.93 16.91 -12.33
N HIS A 190 7.25 17.39 -13.51
CA HIS A 190 6.33 18.09 -14.32
C HIS A 190 6.29 17.42 -15.65
N ALA A 191 5.09 17.08 -16.10
CA ALA A 191 4.93 16.42 -17.42
C ALA A 191 4.12 17.32 -18.33
N PRO A 192 4.80 18.04 -19.22
CA PRO A 192 4.15 19.13 -19.95
C PRO A 192 3.27 18.63 -21.08
N ASN A 193 2.24 19.41 -21.43
CA ASN A 193 1.47 19.19 -22.64
C ASN A 193 0.76 17.83 -22.68
N ARG A 194 0.23 17.40 -21.54
CA ARG A 194 -0.47 16.14 -21.44
C ARG A 194 -1.82 16.30 -20.82
N SER A 195 -2.76 15.54 -21.38
CA SER A 195 -4.10 15.51 -20.85
C SER A 195 -4.72 14.14 -20.96
N GLY A 196 -5.48 13.75 -19.97
CA GLY A 196 -6.18 12.48 -19.98
C GLY A 196 -5.25 11.32 -19.69
N ARG A 197 -5.57 10.16 -20.24
CA ARG A 197 -4.97 8.88 -19.84
C ARG A 197 -3.54 8.74 -20.39
N HIS A 198 -2.62 8.43 -19.49
CA HIS A 198 -1.24 8.24 -19.83
C HIS A 198 -0.59 7.18 -18.97
N VAL A 199 0.65 6.91 -19.30
CA VAL A 199 1.50 6.06 -18.48
C VAL A 199 2.76 6.78 -18.01
N VAL A 200 3.00 6.71 -16.72
CA VAL A 200 4.21 7.22 -16.15
C VAL A 200 5.12 5.98 -15.97
N PHE A 201 6.29 6.04 -16.58
CA PHE A 201 7.29 4.98 -16.42
C PHE A 201 8.53 5.43 -15.62
N THR A 202 8.69 4.88 -14.43
CA THR A 202 9.75 5.26 -13.50
C THR A 202 10.84 4.16 -13.43
N ILE A 203 12.07 4.59 -13.68
CA ILE A 203 13.26 3.79 -13.55
C ILE A 203 14.01 4.20 -12.28
N TRP A 204 14.12 3.22 -11.39
CA TRP A 204 14.74 3.45 -10.12
C TRP A 204 15.94 2.55 -10.09
N LYS A 205 17.11 3.18 -9.99
CA LYS A 205 18.38 2.50 -9.92
C LYS A 205 18.82 2.51 -8.45
N ALA A 206 18.82 1.32 -7.84
CA ALA A 206 19.22 1.15 -6.46
C ALA A 206 20.69 1.35 -6.34
N SER A 207 21.13 1.75 -5.14
CA SER A 207 22.52 2.08 -4.86
C SER A 207 23.36 0.92 -4.35
N HIS A 208 22.75 -0.16 -3.87
CA HIS A 208 23.52 -1.23 -3.23
C HIS A 208 24.23 -2.15 -4.22
N MET A 209 23.74 -2.21 -5.46
CA MET A 209 24.33 -3.06 -6.50
C MET A 209 23.69 -2.62 -7.80
N ASP A 210 23.98 -3.30 -8.90
CA ASP A 210 23.40 -2.87 -10.19
C ASP A 210 22.04 -3.59 -10.24
N GLN A 211 21.05 -2.96 -9.64
CA GLN A 211 19.70 -3.48 -9.60
C GLN A 211 18.81 -2.31 -9.96
N THR A 212 17.95 -2.53 -10.92
CA THR A 212 17.15 -1.50 -11.46
C THR A 212 15.69 -1.97 -11.43
N TYR A 213 14.82 -1.10 -10.88
CA TYR A 213 13.38 -1.28 -10.87
C TYR A 213 12.70 -0.53 -11.96
N TYR A 214 11.67 -1.16 -12.52
CA TYR A 214 10.92 -0.67 -13.66
C TYR A 214 9.44 -0.59 -13.30
N LEU A 215 8.95 0.62 -13.21
CA LEU A 215 7.70 0.92 -12.51
C LEU A 215 6.75 1.68 -13.39
N CYS A 216 5.76 0.98 -13.96
N CYS A 216 5.68 1.00 -13.79
CA CYS A 216 4.70 1.60 -14.75
CA CYS A 216 4.70 1.47 -14.72
C CYS A 216 3.49 1.97 -13.87
C CYS A 216 3.42 1.92 -13.92
N SER A 217 3.03 3.21 -14.04
CA SER A 217 1.86 3.76 -13.35
C SER A 217 0.91 4.40 -14.33
N ASP A 218 -0.35 3.95 -14.29
CA ASP A 218 -1.37 4.58 -15.12
C ASP A 218 -1.93 5.82 -14.46
N VAL A 219 -1.97 6.89 -15.22
CA VAL A 219 -2.42 8.19 -14.73
C VAL A 219 -3.43 8.82 -15.66
N ASN A 220 -4.16 9.78 -15.10
CA ASN A 220 -5.11 10.59 -15.86
C ASN A 220 -4.79 12.07 -15.57
N PHE A 221 -4.21 12.78 -16.51
CA PHE A 221 -3.84 14.18 -16.26
C PHE A 221 -5.09 14.99 -16.37
N VAL A 222 -5.52 15.51 -15.23
CA VAL A 222 -6.62 16.48 -15.19
C VAL A 222 -6.15 17.94 -14.92
N HIS B 37 7.62 -7.05 10.21
CA HIS B 37 6.90 -5.74 10.23
C HIS B 37 5.79 -5.84 9.23
N GLY B 38 4.79 -5.01 9.39
CA GLY B 38 3.63 -4.94 8.50
C GLY B 38 2.37 -4.33 9.13
N SER B 39 1.25 -4.56 8.47
CA SER B 39 -0.02 -4.02 8.88
C SER B 39 -1.12 -4.68 8.08
N VAL B 40 -2.31 -4.34 8.49
CA VAL B 40 -3.50 -4.70 7.79
C VAL B 40 -3.77 -3.72 6.60
N ILE B 41 -3.75 -4.29 5.40
CA ILE B 41 -3.91 -3.62 4.12
C ILE B 41 -5.39 -3.43 3.80
N ASN B 42 -6.20 -4.39 4.23
CA ASN B 42 -7.64 -4.40 3.94
C ASN B 42 -8.35 -5.11 5.11
N PRO B 43 -9.27 -4.43 5.81
CA PRO B 43 -9.50 -2.97 5.69
C PRO B 43 -8.32 -2.19 6.26
N ALA B 44 -7.83 -1.25 5.48
CA ALA B 44 -6.61 -0.54 5.79
C ALA B 44 -6.67 0.09 7.20
N THR B 45 -5.57 -0.09 7.92
CA THR B 45 -5.39 0.53 9.23
C THR B 45 -5.28 2.03 9.10
N ARG B 46 -5.47 2.68 10.22
CA ARG B 46 -5.48 4.12 10.33
C ARG B 46 -4.22 4.74 9.78
N ASN B 47 -3.08 4.20 10.21
CA ASN B 47 -1.81 4.81 9.81
C ASN B 47 -1.34 4.37 8.45
N TYR B 48 -1.61 3.14 8.02
CA TYR B 48 -1.34 2.70 6.66
C TYR B 48 -2.12 3.55 5.71
N GLY B 49 -3.41 3.72 5.98
CA GLY B 49 -4.29 4.61 5.22
C GLY B 49 -3.83 6.06 5.13
N CYS B 50 -3.46 6.68 6.25
CA CYS B 50 -2.88 8.03 6.19
C CYS B 50 -1.62 8.06 5.33
N TRP B 51 -0.82 7.02 5.38
CA TRP B 51 0.41 6.98 4.60
C TRP B 51 0.11 6.84 3.12
N LEU B 52 -0.66 5.81 2.78
CA LEU B 52 -1.10 5.55 1.42
C LEU B 52 -1.71 6.82 0.80
N ARG B 53 -2.61 7.47 1.51
CA ARG B 53 -3.39 8.57 0.90
C ARG B 53 -2.65 9.92 0.83
N TRP B 54 -1.78 10.21 1.77
CA TRP B 54 -1.20 11.54 1.89
C TRP B 54 0.31 11.58 1.97
N GLY B 55 1.00 10.42 1.95
CA GLY B 55 2.42 10.38 2.04
C GLY B 55 3.13 11.16 0.95
N HIS B 56 2.46 11.28 -0.20
CA HIS B 56 3.00 12.03 -1.32
C HIS B 56 2.69 13.55 -1.24
N ASP B 57 1.92 13.97 -0.25
CA ASP B 57 1.40 15.34 -0.18
C ASP B 57 1.12 15.64 1.27
N HIS B 58 2.11 15.35 2.09
CA HIS B 58 1.89 15.22 3.53
C HIS B 58 1.82 16.56 4.32
N LEU B 59 2.13 17.65 3.62
CA LEU B 59 2.04 19.02 4.15
C LEU B 59 0.89 19.86 3.60
N ASN B 60 0.09 19.27 2.73
CA ASN B 60 -1.01 19.98 2.13
C ASN B 60 -2.02 20.43 3.20
N PRO B 61 -2.17 21.77 3.39
CA PRO B 61 -3.01 22.26 4.49
C PRO B 61 -4.49 21.98 4.29
N ASN B 62 -4.93 21.65 3.09
CA ASN B 62 -6.30 21.21 2.90
C ASN B 62 -6.59 19.83 3.50
N MET B 63 -5.56 19.04 3.79
CA MET B 63 -5.77 17.81 4.55
C MET B 63 -6.61 18.04 5.82
N GLN B 64 -6.38 19.16 6.50
CA GLN B 64 -7.11 19.42 7.74
C GLN B 64 -8.58 19.54 7.55
N TYR B 65 -9.05 19.83 6.34
CA TYR B 65 -10.49 19.87 6.05
C TYR B 65 -10.98 18.59 5.41
N GLU B 66 -10.21 18.04 4.47
N GLU B 66 -10.21 18.06 4.46
CA GLU B 66 -10.60 16.83 3.74
CA GLU B 66 -10.56 16.86 3.76
C GLU B 66 -10.32 15.52 4.48
C GLU B 66 -10.46 15.64 4.68
N ASP B 67 -9.33 15.50 5.38
CA ASP B 67 -9.02 14.30 6.19
C ASP B 67 -8.42 14.75 7.51
N PRO B 68 -9.29 15.33 8.35
CA PRO B 68 -8.76 15.94 9.56
C PRO B 68 -8.08 14.95 10.46
N MET B 69 -8.47 13.67 10.43
CA MET B 69 -7.80 12.75 11.32
C MET B 69 -6.39 12.47 10.87
N CYS B 70 -6.13 12.42 9.55
CA CYS B 70 -4.76 12.24 9.05
C CYS B 70 -3.95 13.51 9.28
N TRP B 71 -4.58 14.66 9.18
CA TRP B 71 -3.88 15.93 9.41
C TRP B 71 -3.32 15.97 10.80
N GLN B 72 -4.13 15.74 11.82
CA GLN B 72 -3.59 15.79 13.20
C GLN B 72 -2.50 14.75 13.40
N ALA B 73 -2.59 13.63 12.69
CA ALA B 73 -1.53 12.61 12.76
C ALA B 73 -0.19 13.05 12.18
N TRP B 74 -0.24 13.59 10.95
CA TRP B 74 0.97 14.12 10.31
C TRP B 74 1.54 15.28 11.12
N GLN B 75 0.67 16.15 11.67
CA GLN B 75 1.17 17.23 12.54
C GLN B 75 1.82 16.70 13.83
N ASP B 76 1.29 15.62 14.39
CA ASP B 76 1.87 15.09 15.61
C ASP B 76 3.19 14.37 15.38
N ASN B 77 3.23 13.46 14.40
CA ASN B 77 4.41 12.64 14.21
C ASN B 77 4.35 11.95 12.84
N PRO B 78 5.07 12.50 11.86
CA PRO B 78 5.13 11.92 10.52
C PRO B 78 5.57 10.45 10.51
N ASN B 79 6.38 10.08 11.49
CA ASN B 79 6.89 8.72 11.59
C ASN B 79 5.83 7.71 11.93
N ALA B 80 4.69 8.13 12.49
CA ALA B 80 3.59 7.26 12.62
C ALA B 80 3.14 6.69 11.24
N MET B 81 3.38 7.46 10.17
CA MET B 81 3.03 7.06 8.81
C MET B 81 4.24 6.53 8.13
N TRP B 82 5.37 7.22 8.22
CA TRP B 82 6.56 6.76 7.53
C TRP B 82 6.97 5.37 8.00
N ASN B 83 6.90 5.15 9.31
CA ASN B 83 7.03 3.83 9.87
C ASN B 83 5.66 3.20 10.20
N TRP B 84 4.76 3.16 9.22
CA TRP B 84 3.44 2.51 9.38
C TRP B 84 3.50 1.04 9.75
N ASN B 85 4.59 0.36 9.41
CA ASN B 85 4.69 -1.10 9.56
C ASN B 85 5.21 -1.54 10.96
N GLY B 86 5.42 -0.57 11.86
CA GLY B 86 6.11 -0.74 13.11
C GLY B 86 5.18 -0.66 14.32
N LEU B 87 3.89 -0.87 14.16
CA LEU B 87 2.97 -0.67 15.29
C LEU B 87 2.79 -1.95 16.10
N TYR B 88 3.84 -2.27 16.87
CA TYR B 88 3.87 -3.45 17.66
C TYR B 88 4.52 -3.19 19.00
N ARG B 89 4.31 -4.10 19.93
CA ARG B 89 5.04 -4.19 21.19
C ARG B 89 5.80 -5.50 21.20
N ASP B 90 6.93 -5.51 21.93
CA ASP B 90 7.80 -6.68 22.05
C ASP B 90 7.68 -7.47 23.35
N TRP B 91 6.96 -6.91 24.33
CA TRP B 91 6.95 -7.55 25.68
C TRP B 91 5.54 -7.49 26.27
N VAL B 92 4.71 -8.46 25.89
N VAL B 92 4.75 -8.49 25.91
CA VAL B 92 3.32 -8.46 26.31
CA VAL B 92 3.31 -8.49 26.23
C VAL B 92 2.89 -9.76 26.98
C VAL B 92 2.88 -9.76 26.95
N GLY B 93 3.43 -10.89 26.53
CA GLY B 93 3.11 -12.17 27.12
C GLY B 93 1.68 -12.56 26.95
N GLY B 94 1.08 -12.04 25.87
CA GLY B 94 -0.31 -12.30 25.52
C GLY B 94 -1.36 -11.64 26.37
N ASN B 95 -0.90 -10.78 27.34
CA ASN B 95 -1.80 -9.96 28.12
C ASN B 95 -2.00 -8.59 27.46
N HIS B 96 -2.91 -8.56 26.50
CA HIS B 96 -3.16 -7.39 25.67
C HIS B 96 -3.79 -6.29 26.48
N ARG B 97 -4.62 -6.69 27.44
CA ARG B 97 -5.27 -5.69 28.29
C ARG B 97 -4.26 -5.01 29.20
N ALA B 98 -3.33 -5.75 29.74
CA ALA B 98 -2.28 -5.15 30.57
C ALA B 98 -1.42 -4.19 29.76
N ALA B 99 -1.23 -4.48 28.47
CA ALA B 99 -0.37 -3.69 27.64
C ALA B 99 -1.04 -2.43 27.09
N LEU B 100 -2.36 -2.49 26.91
CA LEU B 100 -3.15 -1.44 26.23
C LEU B 100 -4.22 -0.86 27.17
N PRO B 101 -3.90 0.28 27.81
CA PRO B 101 -4.89 0.98 28.62
C PRO B 101 -5.97 1.48 27.71
N ASP B 102 -7.17 1.65 28.26
CA ASP B 102 -8.28 2.18 27.53
C ASP B 102 -7.93 3.54 27.00
N GLY B 103 -8.33 3.83 25.77
CA GLY B 103 -7.95 5.08 25.15
C GLY B 103 -6.62 5.06 24.42
N GLN B 104 -5.92 3.92 24.49
CA GLN B 104 -4.58 3.75 23.91
C GLN B 104 -4.46 2.42 23.16
N LEU B 105 -5.57 1.87 22.67
CA LEU B 105 -5.52 0.61 21.95
C LEU B 105 -4.86 0.88 20.57
N CYS B 106 -5.33 1.90 19.86
CA CYS B 106 -4.91 2.14 18.50
C CYS B 106 -3.46 2.53 18.38
N SER B 107 -2.91 3.09 19.43
CA SER B 107 -1.49 3.43 19.47
C SER B 107 -0.62 2.31 20.01
N GLY B 108 -1.21 1.13 20.27
CA GLY B 108 -0.47 0.02 20.86
C GLY B 108 0.04 0.36 22.26
N GLY B 109 -0.78 1.12 23.01
CA GLY B 109 -0.40 1.55 24.36
C GLY B 109 0.82 2.41 24.37
N LEU B 110 0.84 3.36 23.43
CA LEU B 110 1.96 4.31 23.26
C LEU B 110 3.29 3.58 23.04
N THR B 111 3.23 2.49 22.26
CA THR B 111 4.47 1.82 21.87
C THR B 111 5.39 2.79 21.08
N GLU B 112 6.67 2.50 21.17
CA GLU B 112 7.66 3.28 20.44
C GLU B 112 7.70 4.77 20.87
N GLY B 113 7.68 4.99 22.17
CA GLY B 113 7.71 6.34 22.77
C GLY B 113 6.57 7.26 22.41
N GLY B 114 5.39 6.72 22.18
CA GLY B 114 4.26 7.53 21.74
C GLY B 114 4.19 7.87 20.29
N ARG B 115 4.98 7.18 19.43
CA ARG B 115 5.07 7.50 18.00
C ARG B 115 3.72 7.46 17.31
N TYR B 116 2.92 6.49 17.71
CA TYR B 116 1.59 6.33 17.12
C TYR B 116 0.46 6.89 17.97
N ARG B 117 0.76 7.79 18.91
CA ARG B 117 -0.27 8.34 19.81
C ARG B 117 -1.44 8.99 19.11
N SER B 118 -1.17 9.63 17.97
CA SER B 118 -2.24 10.21 17.15
C SER B 118 -3.28 9.22 16.61
N MET B 119 -2.95 7.94 16.59
N MET B 119 -2.95 7.94 16.60
CA MET B 119 -3.91 6.91 16.20
CA MET B 119 -3.90 6.92 16.21
C MET B 119 -5.02 6.78 17.24
C MET B 119 -5.01 6.77 17.25
N ASP B 120 -4.76 7.25 18.47
CA ASP B 120 -5.74 7.25 19.56
C ASP B 120 -6.79 8.39 19.46
N ALA B 121 -6.57 9.35 18.55
CA ALA B 121 -7.44 10.49 18.41
C ALA B 121 -8.82 9.99 18.10
N VAL B 122 -9.83 10.70 18.58
CA VAL B 122 -11.21 10.36 18.25
C VAL B 122 -11.74 11.41 17.26
N GLY B 123 -12.40 10.96 16.21
CA GLY B 123 -12.95 11.83 15.21
C GLY B 123 -13.33 11.05 13.98
N PRO B 124 -13.63 11.76 12.87
CA PRO B 124 -14.14 11.06 11.69
C PRO B 124 -13.01 10.50 10.78
N TRP B 125 -12.43 9.40 11.21
CA TRP B 125 -11.37 8.76 10.43
C TRP B 125 -11.99 8.20 9.18
N LYS B 126 -11.25 8.18 8.06
CA LYS B 126 -11.78 7.58 6.85
C LYS B 126 -12.05 6.07 6.99
N THR B 127 -13.20 5.64 6.45
CA THR B 127 -13.69 4.27 6.54
C THR B 127 -13.54 3.53 5.22
N THR B 128 -13.41 2.23 5.35
CA THR B 128 -13.51 1.31 4.25
C THR B 128 -14.89 0.67 4.40
N ASP B 129 -15.59 0.56 3.28
CA ASP B 129 -16.92 -0.08 3.29
C ASP B 129 -16.72 -1.55 3.33
N VAL B 130 -17.50 -2.20 4.18
CA VAL B 130 -17.40 -3.65 4.28
C VAL B 130 -18.77 -4.23 4.53
N ASN B 131 -18.91 -5.50 4.17
CA ASN B 131 -20.04 -6.32 4.66
C ASN B 131 -19.77 -7.01 5.98
N ASN B 132 -20.82 -7.59 6.55
CA ASN B 132 -20.71 -8.21 7.87
C ASN B 132 -19.77 -9.40 7.88
N THR B 133 -19.65 -10.06 6.73
CA THR B 133 -18.56 -10.98 6.44
C THR B 133 -17.54 -10.26 5.58
N PHE B 134 -16.30 -10.18 6.06
CA PHE B 134 -15.23 -9.46 5.33
C PHE B 134 -13.90 -10.14 5.58
N THR B 135 -12.94 -9.84 4.71
CA THR B 135 -11.62 -10.41 4.77
C THR B 135 -10.65 -9.45 5.43
N ILE B 136 -9.77 -10.02 6.26
CA ILE B 136 -8.64 -9.29 6.78
C ILE B 136 -7.49 -9.71 5.89
N HIS B 137 -6.80 -8.74 5.31
CA HIS B 137 -5.55 -8.98 4.58
C HIS B 137 -4.38 -8.31 5.29
N LEU B 138 -3.46 -9.13 5.78
CA LEU B 138 -2.28 -8.71 6.51
C LEU B 138 -1.15 -8.88 5.56
N TYR B 139 -0.32 -7.84 5.45
CA TYR B 139 0.95 -7.90 4.77
C TYR B 139 2.06 -7.87 5.80
N ASP B 140 3.01 -8.78 5.66
CA ASP B 140 4.13 -8.91 6.58
C ASP B 140 5.37 -9.07 5.77
N GLN B 141 6.12 -8.01 5.50
N GLN B 141 6.11 -7.98 5.75
CA GLN B 141 7.27 -8.21 4.61
CA GLN B 141 7.31 -7.81 4.99
C GLN B 141 8.36 -9.11 5.20
C GLN B 141 8.42 -8.79 5.33
N ALA B 142 8.36 -9.35 6.53
CA ALA B 142 9.36 -10.29 7.03
C ALA B 142 8.90 -11.73 7.00
N SER B 143 7.64 -12.03 6.66
CA SER B 143 7.16 -13.42 6.67
C SER B 143 7.45 -14.18 7.97
N HIS B 144 7.01 -13.61 9.09
CA HIS B 144 7.15 -14.25 10.38
C HIS B 144 6.20 -15.42 10.60
N GLY B 145 5.07 -15.37 9.91
CA GLY B 145 3.94 -16.21 10.22
C GLY B 145 3.29 -15.63 11.47
N ALA B 146 2.27 -16.30 11.97
CA ALA B 146 1.47 -15.78 13.05
C ALA B 146 1.28 -16.93 14.02
N ASP B 147 1.34 -16.62 15.30
CA ASP B 147 0.93 -17.58 16.33
C ASP B 147 -0.54 -17.64 16.38
N TYR B 148 -1.22 -16.48 16.27
CA TYR B 148 -2.66 -16.34 16.31
C TYR B 148 -3.04 -14.94 15.88
N PHE B 149 -4.30 -14.75 15.54
CA PHE B 149 -4.90 -13.44 15.38
C PHE B 149 -6.12 -13.43 16.25
N LEU B 150 -6.42 -12.27 16.83
CA LEU B 150 -7.69 -11.99 17.45
C LEU B 150 -8.26 -10.80 16.72
N VAL B 151 -9.54 -10.85 16.40
CA VAL B 151 -10.20 -9.72 15.78
C VAL B 151 -11.36 -9.30 16.58
N TYR B 152 -11.37 -8.02 16.94
CA TYR B 152 -12.41 -7.42 17.71
C TYR B 152 -13.12 -6.41 16.82
N VAL B 153 -14.43 -6.26 17.01
CA VAL B 153 -15.21 -5.21 16.34
C VAL B 153 -16.08 -4.50 17.38
N THR B 154 -16.20 -3.18 17.23
CA THR B 154 -16.93 -2.36 18.11
C THR B 154 -18.38 -2.84 18.14
N LYS B 155 -19.06 -2.65 19.25
CA LYS B 155 -20.46 -3.12 19.33
C LYS B 155 -21.38 -2.05 18.76
N GLN B 156 -22.55 -2.45 18.23
CA GLN B 156 -23.50 -1.47 17.69
C GLN B 156 -23.88 -0.42 18.72
N GLY B 157 -23.90 0.85 18.35
CA GLY B 157 -24.19 1.93 19.31
C GLY B 157 -22.96 2.73 19.74
N PHE B 158 -21.77 2.14 19.56
CA PHE B 158 -20.53 2.83 19.75
C PHE B 158 -20.37 3.81 18.61
N ASP B 159 -19.89 4.98 18.95
CA ASP B 159 -19.61 6.04 17.99
C ASP B 159 -18.11 6.37 18.02
N PRO B 160 -17.33 5.86 17.04
CA PRO B 160 -15.89 6.16 16.97
C PRO B 160 -15.56 7.64 16.74
N THR B 161 -16.51 8.41 16.24
CA THR B 161 -16.28 9.85 16.06
C THR B 161 -16.29 10.64 17.35
N THR B 162 -16.93 10.16 18.41
CA THR B 162 -16.94 10.90 19.68
C THR B 162 -16.37 10.14 20.88
N GLN B 163 -16.14 8.83 20.76
CA GLN B 163 -15.76 8.00 21.89
C GLN B 163 -14.40 7.32 21.69
N PRO B 164 -13.56 7.32 22.74
CA PRO B 164 -12.30 6.64 22.60
C PRO B 164 -12.55 5.14 22.55
N LEU B 165 -11.68 4.43 21.82
CA LEU B 165 -11.76 2.98 21.77
C LEU B 165 -11.34 2.41 23.14
N THR B 166 -12.17 1.50 23.66
CA THR B 166 -11.91 0.84 24.95
C THR B 166 -12.14 -0.68 24.79
N TRP B 167 -11.61 -1.46 25.70
CA TRP B 167 -11.88 -2.90 25.72
C TRP B 167 -13.37 -3.22 25.81
N ASP B 168 -14.06 -2.46 26.64
CA ASP B 168 -15.48 -2.62 26.77
C ASP B 168 -16.29 -2.26 25.50
N SER B 169 -15.83 -1.34 24.68
CA SER B 169 -16.50 -1.10 23.39
C SER B 169 -16.33 -2.22 22.36
N LEU B 170 -15.41 -3.15 22.62
CA LEU B 170 -15.07 -4.13 21.61
C LEU B 170 -15.65 -5.50 21.95
N GLU B 171 -15.94 -6.26 20.90
CA GLU B 171 -16.38 -7.62 21.03
C GLU B 171 -15.49 -8.48 20.20
N LEU B 172 -14.99 -9.55 20.80
CA LEU B 172 -14.23 -10.56 20.05
C LEU B 172 -15.11 -11.27 19.06
N VAL B 173 -14.74 -11.18 17.79
CA VAL B 173 -15.53 -11.83 16.76
C VAL B 173 -14.81 -12.92 16.01
N HIS B 174 -13.48 -13.04 16.16
CA HIS B 174 -12.76 -14.05 15.44
C HIS B 174 -11.45 -14.34 16.14
N GLN B 175 -11.04 -15.58 16.07
CA GLN B 175 -9.83 -16.01 16.74
C GLN B 175 -9.24 -17.07 15.81
N THR B 176 -7.98 -16.97 15.43
CA THR B 176 -7.39 -18.02 14.59
C THR B 176 -6.37 -18.80 15.35
N GLY B 177 -5.96 -19.91 14.75
CA GLY B 177 -4.72 -20.59 15.10
C GLY B 177 -3.55 -19.97 14.37
N SER B 178 -2.43 -20.69 14.35
CA SER B 178 -1.20 -20.19 13.80
C SER B 178 -1.23 -20.26 12.27
N TYR B 179 -0.44 -19.41 11.62
CA TYR B 179 -0.27 -19.44 10.17
C TYR B 179 1.18 -19.53 9.88
N PRO B 180 1.57 -20.34 8.91
CA PRO B 180 2.98 -20.42 8.58
C PRO B 180 3.54 -19.10 7.93
N PRO B 181 4.86 -18.96 7.84
CA PRO B 181 5.47 -17.77 7.28
C PRO B 181 4.93 -17.48 5.91
N ALA B 182 4.46 -16.27 5.69
CA ALA B 182 3.99 -15.81 4.40
C ALA B 182 4.04 -14.28 4.46
N GLN B 183 4.32 -13.65 3.32
CA GLN B 183 4.17 -12.21 3.16
C GLN B 183 2.72 -11.76 3.23
N ASN B 184 1.79 -12.61 2.86
CA ASN B 184 0.41 -12.17 2.79
C ASN B 184 -0.42 -13.21 3.49
N ILE B 185 -1.29 -12.76 4.37
CA ILE B 185 -2.17 -13.66 5.12
C ILE B 185 -3.57 -13.09 4.99
N GLN B 186 -4.52 -13.92 4.53
CA GLN B 186 -5.92 -13.51 4.54
C GLN B 186 -6.83 -14.55 5.21
N PHE B 187 -7.84 -14.03 5.89
CA PHE B 187 -8.88 -14.84 6.48
C PHE B 187 -10.16 -14.04 6.60
N THR B 188 -11.26 -14.76 6.63
CA THR B 188 -12.60 -14.19 6.67
C THR B 188 -13.05 -14.05 8.09
N VAL B 189 -13.72 -12.93 8.37
CA VAL B 189 -14.27 -12.64 9.67
C VAL B 189 -15.79 -12.38 9.47
N HIS B 190 -16.60 -12.79 10.46
CA HIS B 190 -18.03 -12.44 10.51
C HIS B 190 -18.30 -11.59 11.73
N ALA B 191 -18.83 -10.41 11.49
CA ALA B 191 -19.10 -9.42 12.52
C ALA B 191 -20.58 -9.06 12.33
N PRO B 192 -21.46 -9.94 12.82
CA PRO B 192 -22.90 -9.78 12.57
C PRO B 192 -23.51 -8.65 13.35
N ASN B 193 -24.66 -8.18 12.87
CA ASN B 193 -25.57 -7.27 13.60
C ASN B 193 -24.94 -5.91 13.81
N ARG B 194 -24.34 -5.42 12.73
CA ARG B 194 -23.69 -4.15 12.76
C ARG B 194 -23.95 -3.50 11.44
N SER B 195 -24.18 -2.20 11.52
CA SER B 195 -24.16 -1.35 10.37
C SER B 195 -23.51 -0.02 10.72
N GLY B 196 -23.12 0.69 9.68
CA GLY B 196 -22.57 2.04 9.85
C GLY B 196 -21.12 2.00 10.40
N ARG B 197 -20.70 3.11 10.99
CA ARG B 197 -19.31 3.34 11.31
C ARG B 197 -18.90 2.50 12.53
N HIS B 198 -17.73 1.86 12.40
CA HIS B 198 -17.19 0.92 13.39
C HIS B 198 -15.65 0.91 13.31
N VAL B 199 -15.06 0.21 14.28
CA VAL B 199 -13.64 -0.01 14.31
C VAL B 199 -13.42 -1.50 14.39
N VAL B 200 -12.54 -2.01 13.52
CA VAL B 200 -12.03 -3.34 13.59
C VAL B 200 -10.69 -3.23 14.28
N PHE B 201 -10.50 -4.00 15.36
CA PHE B 201 -9.21 -4.03 16.08
C PHE B 201 -8.61 -5.41 15.92
N THR B 202 -7.51 -5.49 15.15
CA THR B 202 -6.91 -6.78 14.86
C THR B 202 -5.67 -6.85 15.72
N ILE B 203 -5.49 -7.95 16.44
CA ILE B 203 -4.27 -8.27 17.14
C ILE B 203 -3.56 -9.38 16.39
N TRP B 204 -2.40 -9.08 15.86
CA TRP B 204 -1.59 -10.06 15.15
C TRP B 204 -0.40 -10.42 16.02
N LYS B 205 -0.37 -11.66 16.49
CA LYS B 205 0.81 -12.17 17.20
C LYS B 205 1.73 -12.84 16.18
N ALA B 206 2.83 -12.19 15.88
CA ALA B 206 3.77 -12.67 14.91
C ALA B 206 4.56 -13.83 15.53
N SER B 207 4.99 -14.80 14.71
CA SER B 207 5.83 -15.94 15.21
C SER B 207 7.28 -15.52 15.19
N HIS B 208 7.56 -14.52 16.01
CA HIS B 208 8.83 -13.99 16.16
C HIS B 208 8.89 -13.40 17.54
N MET B 209 9.55 -14.10 18.45
CA MET B 209 9.70 -13.63 19.83
C MET B 209 8.27 -13.31 20.38
N ASP B 210 8.10 -12.25 21.15
CA ASP B 210 6.80 -11.90 21.69
C ASP B 210 6.19 -10.72 20.94
N GLN B 211 6.59 -10.57 19.69
CA GLN B 211 6.21 -9.40 18.91
C GLN B 211 4.70 -9.43 18.57
N THR B 212 4.02 -8.35 18.90
CA THR B 212 2.59 -8.33 18.89
C THR B 212 2.11 -7.03 18.27
N TYR B 213 1.33 -7.09 17.20
CA TYR B 213 0.83 -5.92 16.49
C TYR B 213 -0.62 -5.62 16.85
N TYR B 214 -0.89 -4.33 16.94
CA TYR B 214 -2.14 -3.83 17.29
C TYR B 214 -2.58 -2.88 16.19
N LEU B 215 -3.64 -3.26 15.47
CA LEU B 215 -3.99 -2.65 14.22
C LEU B 215 -5.47 -2.27 14.19
N CYS B 216 -5.74 -0.97 14.31
N CYS B 216 -5.69 -0.97 14.07
CA CYS B 216 -7.08 -0.42 14.24
CA CYS B 216 -6.94 -0.29 14.24
C CYS B 216 -7.35 -0.03 12.81
C CYS B 216 -7.41 0.13 12.85
N SER B 217 -8.53 -0.44 12.36
CA SER B 217 -9.06 -0.11 11.02
C SER B 217 -10.47 0.44 11.16
N ASP B 218 -10.73 1.56 10.53
CA ASP B 218 -12.07 2.17 10.56
C ASP B 218 -12.89 1.65 9.42
N VAL B 219 -14.08 1.17 9.71
CA VAL B 219 -14.90 0.56 8.68
C VAL B 219 -16.33 1.09 8.74
N ASN B 220 -17.03 0.88 7.65
CA ASN B 220 -18.41 1.28 7.53
C ASN B 220 -19.15 0.04 7.00
N PHE B 221 -19.96 -0.52 7.90
CA PHE B 221 -20.76 -1.72 7.60
C PHE B 221 -21.98 -1.29 6.83
N VAL B 222 -22.14 -1.95 5.70
CA VAL B 222 -22.95 -1.55 4.56
C VAL B 222 -23.87 -2.73 4.19
#